data_4ASD
#
_entry.id   4ASD
#
_cell.length_a   135.818
_cell.length_b   56.479
_cell.length_c   52.052
_cell.angle_alpha   90.00
_cell.angle_beta   95.42
_cell.angle_gamma   90.00
#
_symmetry.space_group_name_H-M   'C 1 2 1'
#
loop_
_entity.id
_entity.type
_entity.pdbx_description
1 polymer 'VASCULAR ENDOTHELIAL GROWTH FACTOR RECEPTOR 2'
2 non-polymer 4-{4-[({[4-CHLORO-3-(TRIFLUOROMETHYL)PHENYL]AMINO}CARBONYL)AMINO]PHENOXY}-N-METHYLPYRIDINE-2-CARBOXAMIDE
3 water water
#
_entity_poly.entity_id   1
_entity_poly.type   'polypeptide(L)'
_entity_poly.pdbx_seq_one_letter_code
;MGGHHHHHHGLEVLFQGPRTVKRANGGELKTGYLSIVMDPDELPLDEHCERLPYDASKWEFPRDRLKLGKPLGRGAFGQV
IEADAFGIDKTATCRTVAVKMLKEGATHSEHRALMSELKILIHIGHHLNVVNLLGACTKPGGPLMVIVEFCKFGNLSTYL
RSKRNEFVPYKVAPEDLYKDFLTLEHLICYSFQVAKGMEFLASRKCIHRDLAARNILLSEKNVVKICDFGLARDIYKDPD
YVRKGDARLPLKWMAPETIFDRVYTIQSDVWSFGVLLWEIFSLGASPYPGVKIDEEFCRRLKEGTRMRAPDYTTPEMYQT
MLDCWHGEPSQRPTFSELVEHLGNLLQANAQQD
;
_entity_poly.pdbx_strand_id   A
#
# COMPACT_ATOMS: atom_id res chain seq x y z
N ASP A 39 18.54 -6.27 16.56
CA ASP A 39 19.12 -7.42 15.87
C ASP A 39 19.06 -7.14 14.36
N PRO A 40 20.23 -7.02 13.70
CA PRO A 40 20.26 -6.64 12.26
C PRO A 40 19.57 -7.65 11.33
N ASP A 41 19.30 -8.85 11.83
CA ASP A 41 18.54 -9.86 11.10
C ASP A 41 17.03 -9.61 11.18
N GLU A 42 16.59 -8.86 12.19
CA GLU A 42 15.21 -8.39 12.31
C GLU A 42 15.01 -7.10 11.52
N LEU A 43 16.11 -6.38 11.31
CA LEU A 43 16.10 -5.03 10.73
C LEU A 43 15.47 -5.03 9.35
N PRO A 44 14.51 -4.11 9.12
CA PRO A 44 13.93 -4.03 7.80
C PRO A 44 14.93 -3.54 6.74
N LEU A 45 15.10 -4.33 5.67
CA LEU A 45 15.77 -3.88 4.47
C LEU A 45 15.01 -2.66 4.02
N ASP A 46 15.72 -1.62 3.63
CA ASP A 46 15.14 -0.29 3.38
C ASP A 46 15.77 0.71 4.33
N GLU A 47 16.12 0.25 5.53
CA GLU A 47 16.92 1.05 6.44
C GLU A 47 18.34 1.14 5.90
N HIS A 48 18.76 0.14 5.12
CA HIS A 48 20.09 0.09 4.54
C HIS A 48 20.09 -0.24 3.01
N CYS A 49 19.17 0.42 2.30
CA CYS A 49 18.97 0.36 0.84
C CYS A 49 20.16 0.75 -0.01
N GLU A 50 20.96 1.69 0.49
CA GLU A 50 22.04 2.28 -0.29
C GLU A 50 23.11 1.25 -0.71
N ARG A 51 23.13 0.10 -0.04
CA ARG A 51 24.12 -0.93 -0.33
C ARG A 51 23.59 -2.05 -1.25
N LEU A 52 22.31 -1.98 -1.58
CA LEU A 52 21.67 -2.97 -2.46
C LEU A 52 22.09 -2.77 -3.92
N PRO A 53 22.08 -3.85 -4.74
CA PRO A 53 22.53 -3.76 -6.15
C PRO A 53 21.49 -3.21 -7.13
N TYR A 54 21.96 -2.49 -8.15
CA TYR A 54 21.14 -2.17 -9.33
C TYR A 54 21.75 -2.83 -10.58
N ASP A 55 21.14 -3.94 -11.01
CA ASP A 55 21.63 -4.68 -12.16
C ASP A 55 21.01 -4.11 -13.43
N ALA A 56 21.74 -3.20 -14.08
CA ALA A 56 21.21 -2.52 -15.27
C ALA A 56 21.00 -3.50 -16.44
N SER A 57 21.86 -4.52 -16.55
CA SER A 57 21.70 -5.52 -17.60
C SER A 57 20.33 -6.22 -17.51
N LYS A 58 19.80 -6.33 -16.29
CA LYS A 58 18.47 -6.92 -16.10
C LYS A 58 17.33 -5.88 -16.16
N TRP A 59 17.48 -4.74 -15.50
CA TRP A 59 16.33 -3.84 -15.29
C TRP A 59 16.25 -2.63 -16.21
N GLU A 60 17.35 -2.24 -16.84
CA GLU A 60 17.37 -0.99 -17.59
C GLU A 60 16.52 -1.07 -18.86
N PHE A 61 15.62 -0.12 -19.02
CA PHE A 61 14.69 -0.09 -20.16
C PHE A 61 14.96 1.18 -20.98
N PRO A 62 15.16 1.05 -22.31
CA PRO A 62 15.39 2.22 -23.16
C PRO A 62 14.30 3.28 -23.09
N ARG A 63 14.70 4.53 -22.86
CA ARG A 63 13.75 5.63 -22.76
C ARG A 63 12.93 5.82 -24.03
N ASP A 64 13.53 5.52 -25.18
CA ASP A 64 12.83 5.65 -26.46
C ASP A 64 11.78 4.55 -26.73
N ARG A 65 11.65 3.60 -25.81
CA ARG A 65 10.62 2.54 -25.93
C ARG A 65 9.44 2.81 -24.99
N LEU A 66 9.48 3.98 -24.34
CA LEU A 66 8.46 4.41 -23.39
C LEU A 66 7.71 5.64 -23.91
N LYS A 67 6.40 5.51 -24.13
CA LYS A 67 5.58 6.63 -24.57
C LYS A 67 4.82 7.18 -23.37
N LEU A 68 5.22 8.35 -22.89
CA LEU A 68 4.60 8.94 -21.71
C LEU A 68 3.22 9.52 -22.00
N GLY A 69 2.27 9.26 -21.12
CA GLY A 69 0.90 9.77 -21.27
C GLY A 69 0.46 10.64 -20.12
N LYS A 70 -0.79 10.47 -19.71
CA LYS A 70 -1.42 11.31 -18.69
C LYS A 70 -0.92 11.01 -17.24
N PRO A 71 -0.81 12.05 -16.40
CA PRO A 71 -0.49 11.84 -14.98
C PRO A 71 -1.56 11.02 -14.26
N LEU A 72 -1.13 10.18 -13.33
CA LEU A 72 -2.02 9.31 -12.56
C LEU A 72 -2.04 9.73 -11.09
N GLY A 73 -1.09 10.57 -10.71
CA GLY A 73 -0.99 11.07 -9.33
C GLY A 73 0.18 12.03 -9.26
N ARG A 74 0.04 13.10 -8.49
CA ARG A 74 1.18 14.01 -8.27
C ARG A 74 1.26 14.39 -6.79
N GLY A 75 2.47 14.45 -6.27
CA GLY A 75 2.72 15.05 -4.97
C GLY A 75 3.44 16.38 -5.16
N ALA A 76 4.13 16.83 -4.13
CA ALA A 76 4.97 18.02 -4.22
C ALA A 76 6.23 17.75 -5.06
N PHE A 77 6.85 16.59 -4.83
CA PHE A 77 8.17 16.28 -5.40
C PHE A 77 8.18 15.10 -6.37
N GLY A 78 7.08 14.34 -6.38
CA GLY A 78 7.02 13.14 -7.16
C GLY A 78 5.75 13.04 -7.94
N GLN A 79 5.71 12.10 -8.87
CA GLN A 79 4.52 11.89 -9.66
C GLN A 79 4.53 10.50 -10.27
N VAL A 80 3.35 10.05 -10.64
CA VAL A 80 3.20 8.82 -11.41
C VAL A 80 2.49 9.19 -12.69
N ILE A 81 3.00 8.70 -13.80
CA ILE A 81 2.32 8.93 -15.05
C ILE A 81 2.11 7.64 -15.83
N GLU A 82 1.02 7.61 -16.59
CA GLU A 82 0.73 6.47 -17.43
C GLU A 82 1.63 6.49 -18.64
N ALA A 83 2.01 5.31 -19.11
CA ALA A 83 2.83 5.17 -20.30
C ALA A 83 2.51 3.90 -21.07
N ASP A 84 2.93 3.88 -22.34
CA ASP A 84 2.92 2.66 -23.12
C ASP A 84 4.35 2.23 -23.31
N ALA A 85 4.69 1.05 -22.81
CA ALA A 85 6.03 0.55 -22.92
C ALA A 85 6.05 -0.55 -23.97
N PHE A 86 6.94 -0.39 -24.92
CA PHE A 86 7.04 -1.38 -25.97
C PHE A 86 8.01 -2.50 -25.60
N GLY A 87 7.46 -3.69 -25.38
CA GLY A 87 8.27 -4.89 -25.14
C GLY A 87 8.98 -4.94 -23.79
N ILE A 88 8.39 -4.32 -22.77
CA ILE A 88 9.02 -4.32 -21.45
C ILE A 88 9.02 -5.70 -20.73
N ASP A 89 7.93 -6.45 -20.85
CA ASP A 89 7.81 -7.76 -20.19
C ASP A 89 7.53 -8.94 -21.14
N LYS A 90 7.12 -8.63 -22.37
CA LYS A 90 6.86 -9.65 -23.40
C LYS A 90 7.35 -9.11 -24.76
N THR A 91 8.10 -9.93 -25.51
CA THR A 91 8.74 -9.48 -26.76
C THR A 91 7.74 -8.79 -27.67
N ALA A 92 8.09 -7.59 -28.12
CA ALA A 92 7.32 -6.83 -29.12
C ALA A 92 5.84 -6.57 -28.74
N THR A 93 5.53 -6.57 -27.45
CA THR A 93 4.16 -6.24 -27.06
C THR A 93 4.03 -4.98 -26.22
N CYS A 94 3.16 -4.08 -26.70
CA CYS A 94 2.80 -2.87 -26.00
C CYS A 94 2.11 -3.20 -24.68
N ARG A 95 2.54 -2.51 -23.63
CA ARG A 95 1.95 -2.69 -22.32
C ARG A 95 1.76 -1.32 -21.69
N THR A 96 0.54 -1.07 -21.22
CA THR A 96 0.26 0.09 -20.40
C THR A 96 0.95 -0.08 -19.05
N VAL A 97 1.74 0.92 -18.66
CA VAL A 97 2.48 0.85 -17.39
C VAL A 97 2.33 2.15 -16.60
N ALA A 98 2.74 2.11 -15.32
CA ALA A 98 2.79 3.32 -14.52
C ALA A 98 4.24 3.65 -14.21
N VAL A 99 4.63 4.88 -14.45
CA VAL A 99 5.99 5.28 -14.13
C VAL A 99 6.09 6.33 -13.02
N LYS A 100 6.77 5.93 -11.96
CA LYS A 100 7.10 6.85 -10.88
C LYS A 100 8.37 7.60 -11.22
N MET A 101 8.30 8.93 -11.06
CA MET A 101 9.43 9.79 -11.33
C MET A 101 9.26 11.08 -10.52
N LEU A 102 10.26 11.93 -10.56
CA LEU A 102 10.20 13.18 -9.80
C LEU A 102 9.65 14.32 -10.66
N LYS A 103 9.55 15.49 -10.06
CA LYS A 103 8.76 16.57 -10.59
C LYS A 103 9.40 17.88 -10.08
N GLU A 104 8.98 19.01 -10.63
CA GLU A 104 9.48 20.33 -10.18
C GLU A 104 9.32 20.51 -8.66
N GLY A 105 10.42 20.83 -7.98
CA GLY A 105 10.44 20.92 -6.52
C GLY A 105 11.39 19.89 -5.92
N ALA A 106 11.51 18.73 -6.56
CA ALA A 106 12.43 17.69 -6.09
C ALA A 106 13.86 18.15 -6.20
N THR A 107 14.72 17.61 -5.32
CA THR A 107 16.15 17.90 -5.29
C THR A 107 16.93 16.60 -5.42
N HIS A 108 18.26 16.69 -5.33
CA HIS A 108 19.13 15.50 -5.31
C HIS A 108 18.74 14.43 -4.27
N SER A 109 18.23 14.85 -3.12
CA SER A 109 17.85 13.90 -2.07
C SER A 109 16.61 13.08 -2.39
N GLU A 110 15.60 13.66 -3.05
CA GLU A 110 14.49 12.88 -3.62
C GLU A 110 14.97 11.92 -4.72
N HIS A 111 15.94 12.37 -5.52
CA HIS A 111 16.54 11.51 -6.57
C HIS A 111 17.23 10.28 -5.95
N ARG A 112 18.02 10.51 -4.89
CA ARG A 112 18.61 9.40 -4.14
C ARG A 112 17.55 8.45 -3.58
N ALA A 113 16.47 9.04 -3.04
CA ALA A 113 15.38 8.29 -2.42
C ALA A 113 14.64 7.40 -3.43
N LEU A 114 14.51 7.87 -4.67
CA LEU A 114 13.81 7.12 -5.70
C LEU A 114 14.67 5.96 -6.19
N MET A 115 15.97 6.18 -6.22
CA MET A 115 16.92 5.13 -6.57
C MET A 115 16.90 4.04 -5.50
N SER A 116 16.86 4.43 -4.23
CA SER A 116 16.81 3.42 -3.21
C SER A 116 15.44 2.70 -3.20
N GLU A 117 14.37 3.38 -3.65
CA GLU A 117 13.09 2.73 -3.81
C GLU A 117 13.19 1.67 -4.92
N LEU A 118 13.80 2.02 -6.05
CA LEU A 118 14.05 1.06 -7.12
C LEU A 118 14.81 -0.18 -6.60
N LYS A 119 15.88 0.05 -5.82
CA LYS A 119 16.68 -1.04 -5.26
C LYS A 119 15.87 -1.98 -4.33
N ILE A 120 15.03 -1.41 -3.48
CA ILE A 120 14.18 -2.22 -2.61
C ILE A 120 13.13 -3.03 -3.37
N LEU A 121 12.55 -2.46 -4.41
CA LEU A 121 11.61 -3.19 -5.27
C LEU A 121 12.29 -4.36 -5.96
N ILE A 122 13.53 -4.16 -6.42
CA ILE A 122 14.28 -5.29 -7.02
C ILE A 122 14.52 -6.39 -5.98
N HIS A 123 14.98 -6.01 -4.78
CA HIS A 123 15.22 -6.97 -3.70
C HIS A 123 13.95 -7.74 -3.33
N ILE A 124 12.84 -7.03 -3.14
CA ILE A 124 11.56 -7.66 -2.84
C ILE A 124 11.17 -8.73 -3.88
N GLY A 125 11.22 -8.42 -5.17
CA GLY A 125 10.84 -9.38 -6.21
C GLY A 125 9.34 -9.44 -6.50
N HIS A 126 8.92 -10.44 -7.26
CA HIS A 126 7.56 -10.49 -7.77
C HIS A 126 6.61 -11.27 -6.87
N HIS A 127 5.44 -10.69 -6.64
CA HIS A 127 4.34 -11.41 -6.01
C HIS A 127 3.05 -10.87 -6.62
N LEU A 128 2.07 -11.75 -6.78
CA LEU A 128 0.78 -11.37 -7.35
C LEU A 128 0.22 -10.14 -6.66
N ASN A 129 0.41 -10.07 -5.34
CA ASN A 129 -0.27 -9.07 -4.53
C ASN A 129 0.60 -7.89 -4.10
N VAL A 130 1.69 -7.68 -4.84
CA VAL A 130 2.52 -6.49 -4.69
C VAL A 130 2.68 -5.88 -6.06
N VAL A 131 2.66 -4.56 -6.16
CA VAL A 131 2.80 -3.92 -7.48
C VAL A 131 4.19 -4.34 -8.05
N ASN A 132 4.19 -4.97 -9.23
CA ASN A 132 5.43 -5.50 -9.78
C ASN A 132 6.24 -4.48 -10.55
N LEU A 133 7.52 -4.45 -10.21
CA LEU A 133 8.52 -3.68 -10.93
C LEU A 133 8.77 -4.32 -12.30
N LEU A 134 8.71 -3.51 -13.36
CA LEU A 134 8.89 -3.99 -14.71
C LEU A 134 10.23 -3.54 -15.29
N GLY A 135 10.73 -2.40 -14.84
CA GLY A 135 11.98 -1.87 -15.38
C GLY A 135 12.28 -0.48 -14.86
N ALA A 136 13.41 0.07 -15.30
CA ALA A 136 13.80 1.44 -14.91
C ALA A 136 14.59 2.15 -15.98
N CYS A 137 14.46 3.47 -16.01
CA CYS A 137 15.36 4.30 -16.78
C CYS A 137 16.21 5.11 -15.80
N THR A 138 17.51 4.84 -15.80
CA THR A 138 18.43 5.42 -14.82
C THR A 138 19.63 6.10 -15.50
N LYS A 139 19.77 5.89 -16.80
CA LYS A 139 20.85 6.49 -17.60
C LYS A 139 20.87 8.03 -17.55
N PRO A 140 22.08 8.63 -17.45
CA PRO A 140 22.19 10.10 -17.42
C PRO A 140 21.55 10.73 -18.65
N GLY A 141 21.01 11.95 -18.50
CA GLY A 141 20.41 12.66 -19.63
C GLY A 141 18.91 12.76 -19.58
N GLY A 142 18.29 11.96 -18.71
CA GLY A 142 16.85 11.98 -18.47
C GLY A 142 16.56 11.72 -17.00
N PRO A 143 15.28 11.84 -16.60
CA PRO A 143 14.93 11.61 -15.19
C PRO A 143 14.95 10.12 -14.79
N LEU A 144 15.23 9.85 -13.53
CA LEU A 144 15.12 8.49 -13.02
C LEU A 144 13.64 8.09 -13.08
N MET A 145 13.36 6.95 -13.73
CA MET A 145 11.98 6.48 -13.89
C MET A 145 11.87 5.05 -13.37
N VAL A 146 10.92 4.83 -12.48
CA VAL A 146 10.68 3.50 -11.94
C VAL A 146 9.34 2.98 -12.51
N ILE A 147 9.46 1.95 -13.35
CA ILE A 147 8.32 1.46 -14.15
C ILE A 147 7.70 0.24 -13.52
N VAL A 148 6.42 0.37 -13.16
CA VAL A 148 5.68 -0.73 -12.55
C VAL A 148 4.41 -1.03 -13.33
N GLU A 149 3.77 -2.15 -13.01
CA GLU A 149 2.51 -2.48 -13.66
C GLU A 149 1.40 -1.44 -13.43
N PHE A 150 0.59 -1.25 -14.47
CA PHE A 150 -0.58 -0.40 -14.41
C PHE A 150 -1.73 -1.21 -13.84
N CYS A 151 -2.48 -0.63 -12.92
CA CYS A 151 -3.58 -1.31 -12.25
C CYS A 151 -4.87 -0.59 -12.61
N LYS A 152 -5.61 -1.20 -13.53
CA LYS A 152 -6.74 -0.56 -14.19
C LYS A 152 -7.66 0.32 -13.32
N PHE A 153 -8.02 -0.19 -12.15
CA PHE A 153 -9.09 0.43 -11.35
C PHE A 153 -8.62 1.40 -10.26
N GLY A 154 -7.31 1.62 -10.18
CA GLY A 154 -6.72 2.60 -9.26
C GLY A 154 -6.78 2.15 -7.82
N ASN A 155 -6.73 3.12 -6.90
CA ASN A 155 -6.68 2.81 -5.47
C ASN A 155 -8.00 2.24 -4.95
N LEU A 156 -7.88 1.33 -3.99
CA LEU A 156 -9.02 0.57 -3.50
C LEU A 156 -10.05 1.41 -2.74
N SER A 157 -9.60 2.44 -2.04
CA SER A 157 -10.52 3.26 -1.23
C SER A 157 -11.55 3.92 -2.15
N THR A 158 -11.05 4.66 -3.13
CA THR A 158 -11.87 5.35 -4.12
C THR A 158 -12.77 4.38 -4.84
N TYR A 159 -12.23 3.23 -5.21
CA TYR A 159 -13.03 2.23 -5.93
C TYR A 159 -14.18 1.70 -5.09
N LEU A 160 -13.91 1.30 -3.84
CA LEU A 160 -14.98 0.77 -2.97
C LEU A 160 -16.09 1.80 -2.70
N ARG A 161 -15.67 3.04 -2.55
CA ARG A 161 -16.58 4.16 -2.28
C ARG A 161 -17.48 4.45 -3.49
N SER A 162 -17.02 4.07 -4.67
CA SER A 162 -17.82 4.16 -5.90
C SER A 162 -18.81 3.02 -6.05
N LYS A 163 -18.74 2.01 -5.19
CA LYS A 163 -19.57 0.80 -5.37
C LYS A 163 -20.64 0.58 -4.29
N ARG A 164 -20.90 1.59 -3.47
CA ARG A 164 -21.95 1.52 -2.44
C ARG A 164 -23.32 1.10 -3.03
N ASN A 165 -23.60 1.57 -4.24
CA ASN A 165 -24.87 1.26 -4.92
C ASN A 165 -24.81 -0.03 -5.75
N GLU A 166 -23.65 -0.69 -5.74
CA GLU A 166 -23.40 -1.90 -6.53
C GLU A 166 -22.75 -2.96 -5.63
N PHE A 167 -23.42 -3.22 -4.51
CA PHE A 167 -22.95 -4.19 -3.52
C PHE A 167 -24.12 -4.99 -3.02
N VAL A 168 -23.92 -6.32 -2.96
CA VAL A 168 -24.84 -7.23 -2.30
C VAL A 168 -24.03 -8.22 -1.47
N PRO A 169 -24.50 -8.55 -0.24
CA PRO A 169 -23.70 -9.45 0.61
C PRO A 169 -23.46 -10.84 -0.02
N TYR A 170 -24.42 -11.35 -0.79
CA TYR A 170 -24.29 -12.67 -1.38
C TYR A 170 -24.81 -12.73 -2.81
N TYR A 178 -26.83 -8.47 -10.96
CA TYR A 178 -25.80 -8.23 -9.95
C TYR A 178 -24.40 -8.61 -10.46
N LYS A 179 -24.23 -8.63 -11.79
CA LYS A 179 -22.91 -8.80 -12.38
C LYS A 179 -22.20 -7.46 -12.23
N ASP A 180 -20.90 -7.50 -11.95
CA ASP A 180 -20.15 -6.27 -11.68
C ASP A 180 -20.43 -5.70 -10.29
N PHE A 181 -21.40 -6.28 -9.59
CA PHE A 181 -21.66 -5.97 -8.19
C PHE A 181 -20.54 -6.54 -7.31
N LEU A 182 -20.14 -5.79 -6.29
CA LEU A 182 -19.28 -6.34 -5.24
C LEU A 182 -20.11 -7.19 -4.32
N THR A 183 -19.46 -8.16 -3.67
CA THR A 183 -20.12 -8.99 -2.68
C THR A 183 -19.21 -9.15 -1.48
N LEU A 184 -19.74 -9.75 -0.41
CA LEU A 184 -18.95 -10.10 0.75
C LEU A 184 -17.74 -10.98 0.37
N GLU A 185 -17.93 -11.93 -0.54
CA GLU A 185 -16.83 -12.75 -1.04
C GLU A 185 -15.65 -11.91 -1.57
N HIS A 186 -15.95 -10.92 -2.42
CA HIS A 186 -14.94 -10.00 -2.95
C HIS A 186 -14.14 -9.34 -1.85
N LEU A 187 -14.85 -8.81 -0.86
CA LEU A 187 -14.26 -8.05 0.24
C LEU A 187 -13.31 -8.88 1.10
N ILE A 188 -13.74 -10.12 1.38
CA ILE A 188 -12.93 -11.08 2.13
C ILE A 188 -11.75 -11.52 1.27
N CYS A 189 -12.01 -11.70 -0.02
CA CYS A 189 -10.98 -12.09 -0.95
C CYS A 189 -9.89 -11.00 -1.03
N TYR A 190 -10.29 -9.71 -1.10
CA TYR A 190 -9.33 -8.62 -1.12
C TYR A 190 -8.49 -8.57 0.15
N SER A 191 -9.15 -8.82 1.28
CA SER A 191 -8.51 -8.86 2.59
C SER A 191 -7.43 -9.95 2.62
N PHE A 192 -7.82 -11.14 2.20
CA PHE A 192 -6.93 -12.30 2.10
C PHE A 192 -5.73 -11.96 1.21
N GLN A 193 -6.01 -11.42 0.03
CA GLN A 193 -4.94 -11.00 -0.90
C GLN A 193 -3.92 -10.02 -0.30
N VAL A 194 -4.41 -9.02 0.43
CA VAL A 194 -3.48 -8.04 1.02
C VAL A 194 -2.64 -8.73 2.10
N ALA A 195 -3.24 -9.62 2.87
CA ALA A 195 -2.50 -10.36 3.89
C ALA A 195 -1.41 -11.25 3.26
N LYS A 196 -1.72 -11.87 2.13
CA LYS A 196 -0.74 -12.61 1.33
C LYS A 196 0.43 -11.73 0.89
N GLY A 197 0.13 -10.58 0.27
CA GLY A 197 1.17 -9.62 -0.14
C GLY A 197 2.04 -9.13 1.03
N MET A 198 1.41 -8.87 2.17
CA MET A 198 2.13 -8.41 3.38
C MET A 198 3.00 -9.51 4.01
N GLU A 199 2.48 -10.74 3.99
CA GLU A 199 3.26 -11.91 4.42
C GLU A 199 4.50 -12.09 3.55
N PHE A 200 4.34 -11.90 2.25
CA PHE A 200 5.43 -11.86 1.30
C PHE A 200 6.44 -10.73 1.58
N LEU A 201 5.93 -9.51 1.78
CA LEU A 201 6.79 -8.38 2.14
C LEU A 201 7.64 -8.71 3.39
N ALA A 202 6.98 -9.23 4.43
CA ALA A 202 7.67 -9.67 5.65
C ALA A 202 8.73 -10.75 5.39
N SER A 203 8.42 -11.71 4.52
CA SER A 203 9.37 -12.76 4.13
C SER A 203 10.64 -12.18 3.49
N ARG A 204 10.50 -11.00 2.88
CA ARG A 204 11.61 -10.30 2.22
C ARG A 204 12.32 -9.33 3.16
N LYS A 205 11.94 -9.38 4.44
CA LYS A 205 12.50 -8.57 5.53
C LYS A 205 12.23 -7.09 5.31
N CYS A 206 11.10 -6.80 4.69
CA CYS A 206 10.66 -5.44 4.46
C CYS A 206 9.40 -5.18 5.25
N ILE A 207 9.18 -3.93 5.60
CA ILE A 207 7.91 -3.51 6.17
C ILE A 207 7.35 -2.38 5.30
N HIS A 208 6.09 -2.03 5.52
CA HIS A 208 5.42 -1.05 4.64
C HIS A 208 5.48 0.38 5.15
N ARG A 209 4.98 0.60 6.37
CA ARG A 209 4.92 1.93 7.00
C ARG A 209 3.82 2.90 6.57
N ASP A 210 3.09 2.59 5.50
CA ASP A 210 1.93 3.45 5.12
C ASP A 210 0.80 2.58 4.57
N LEU A 211 0.52 1.48 5.26
CA LEU A 211 -0.47 0.52 4.76
C LEU A 211 -1.85 1.12 5.00
N ALA A 212 -2.65 1.16 3.93
CA ALA A 212 -3.97 1.81 3.92
C ALA A 212 -4.65 1.51 2.57
N ALA A 213 -5.97 1.65 2.50
CA ALA A 213 -6.68 1.40 1.24
C ALA A 213 -6.25 2.29 0.07
N ARG A 214 -5.81 3.51 0.35
CA ARG A 214 -5.26 4.43 -0.66
C ARG A 214 -3.96 3.90 -1.27
N ASN A 215 -3.29 3.00 -0.55
CA ASN A 215 -2.09 2.34 -1.08
C ASN A 215 -2.31 0.86 -1.48
N ILE A 216 -3.56 0.53 -1.79
CA ILE A 216 -3.88 -0.75 -2.43
C ILE A 216 -4.47 -0.44 -3.81
N LEU A 217 -3.93 -1.09 -4.84
CA LEU A 217 -4.43 -0.92 -6.19
C LEU A 217 -5.26 -2.12 -6.62
N LEU A 218 -6.28 -1.86 -7.41
CA LEU A 218 -7.13 -2.90 -7.95
C LEU A 218 -6.90 -3.08 -9.44
N SER A 219 -6.57 -4.31 -9.81
CA SER A 219 -6.36 -4.68 -11.20
C SER A 219 -7.56 -5.41 -11.76
N GLU A 220 -7.41 -5.92 -12.98
CA GLU A 220 -8.39 -6.80 -13.61
C GLU A 220 -8.49 -8.08 -12.79
N LYS A 221 -9.63 -8.76 -12.93
CA LYS A 221 -9.86 -10.07 -12.33
C LYS A 221 -9.78 -10.07 -10.80
N ASN A 222 -10.16 -8.94 -10.21
CA ASN A 222 -10.23 -8.77 -8.75
C ASN A 222 -8.92 -9.05 -8.02
N VAL A 223 -7.80 -8.76 -8.68
CA VAL A 223 -6.48 -8.82 -8.05
C VAL A 223 -6.13 -7.47 -7.47
N VAL A 224 -5.79 -7.47 -6.18
CA VAL A 224 -5.34 -6.26 -5.50
C VAL A 224 -3.85 -6.34 -5.22
N LYS A 225 -3.22 -5.17 -5.30
CA LYS A 225 -1.77 -5.07 -5.17
C LYS A 225 -1.41 -3.99 -4.15
N ILE A 226 -0.55 -4.36 -3.21
CA ILE A 226 0.05 -3.40 -2.31
C ILE A 226 1.00 -2.50 -3.08
N CYS A 227 0.94 -1.21 -2.77
CA CYS A 227 1.88 -0.25 -3.34
C CYS A 227 2.22 0.79 -2.29
N ASP A 228 3.06 1.74 -2.68
CA ASP A 228 3.28 2.93 -1.88
C ASP A 228 3.47 4.11 -2.85
N PHE A 229 2.47 4.98 -2.93
CA PHE A 229 2.60 6.17 -3.77
C PHE A 229 3.74 7.11 -3.34
N GLY A 230 3.99 7.18 -2.03
CA GLY A 230 5.12 7.95 -1.48
C GLY A 230 5.12 9.40 -1.93
N LEU A 231 6.19 9.79 -2.60
CA LEU A 231 6.40 11.16 -3.07
C LEU A 231 5.36 11.60 -4.11
N ALA A 232 4.75 10.62 -4.78
CA ALA A 232 3.71 10.90 -5.78
C ALA A 232 2.33 11.19 -5.17
N ARG A 233 2.26 11.25 -3.85
CA ARG A 233 1.02 11.69 -3.17
C ARG A 233 1.30 13.03 -2.52
N ASP A 234 0.35 13.95 -2.66
CA ASP A 234 0.42 15.28 -2.06
C ASP A 234 -0.06 15.18 -0.61
N ILE A 235 0.85 14.81 0.28
CA ILE A 235 0.48 14.58 1.67
C ILE A 235 0.12 15.87 2.42
N TYR A 236 0.47 17.03 1.85
CA TYR A 236 0.10 18.26 2.52
C TYR A 236 -1.34 18.67 2.19
N LYS A 237 -1.86 18.22 1.05
CA LYS A 237 -3.24 18.49 0.67
C LYS A 237 -4.19 17.36 1.10
N ASP A 238 -3.63 16.17 1.30
CA ASP A 238 -4.40 14.98 1.64
C ASP A 238 -4.74 14.95 3.13
N PRO A 239 -6.05 15.01 3.49
CA PRO A 239 -6.41 15.07 4.91
C PRO A 239 -6.09 13.78 5.72
N ASP A 240 -5.67 12.71 5.04
CA ASP A 240 -5.26 11.46 5.72
C ASP A 240 -3.92 11.60 6.46
N TYR A 241 -3.16 12.64 6.10
CA TYR A 241 -1.85 12.89 6.70
C TYR A 241 -1.96 14.15 7.54
N VAL A 242 -1.60 14.02 8.81
CA VAL A 242 -1.86 15.04 9.81
C VAL A 242 -0.53 15.59 10.29
N ARG A 243 -0.43 16.91 10.39
CA ARG A 243 0.79 17.56 10.88
C ARG A 243 1.13 17.07 12.29
N LYS A 244 2.36 16.59 12.46
CA LYS A 244 2.86 16.17 13.76
C LYS A 244 4.35 16.48 13.78
N GLY A 245 4.70 17.59 14.43
CA GLY A 245 6.06 18.12 14.36
C GLY A 245 6.28 18.72 12.99
N ASP A 246 7.35 18.28 12.34
CA ASP A 246 7.66 18.71 10.98
C ASP A 246 7.03 17.78 9.94
N ALA A 247 6.70 16.56 10.38
CA ALA A 247 6.16 15.53 9.50
C ALA A 247 4.66 15.60 9.32
N ARG A 248 4.18 15.02 8.23
CA ARG A 248 2.76 14.83 7.99
C ARG A 248 2.47 13.33 7.93
N LEU A 249 1.71 12.83 8.90
CA LEU A 249 1.67 11.41 9.16
C LEU A 249 0.25 10.84 9.12
N PRO A 250 0.13 9.57 8.68
CA PRO A 250 -1.17 8.91 8.55
C PRO A 250 -1.68 8.39 9.90
N LEU A 251 -1.94 9.32 10.83
CA LEU A 251 -2.21 8.99 12.24
C LEU A 251 -3.32 7.96 12.46
N LYS A 252 -4.36 8.02 11.64
CA LYS A 252 -5.52 7.13 11.82
C LYS A 252 -5.20 5.66 11.51
N TRP A 253 -4.05 5.42 10.89
CA TRP A 253 -3.62 4.08 10.49
C TRP A 253 -2.46 3.56 11.34
N MET A 254 -1.94 4.44 12.20
CA MET A 254 -0.71 4.17 12.94
C MET A 254 -0.96 3.49 14.30
N ALA A 255 -0.11 2.53 14.63
CA ALA A 255 -0.17 1.83 15.92
C ALA A 255 0.31 2.75 17.04
N PRO A 256 -0.24 2.59 18.26
CA PRO A 256 0.22 3.41 19.39
C PRO A 256 1.74 3.50 19.57
N GLU A 257 2.47 2.39 19.41
CA GLU A 257 3.93 2.42 19.56
C GLU A 257 4.62 3.25 18.48
N THR A 258 3.98 3.34 17.32
CA THR A 258 4.47 4.18 16.23
C THR A 258 4.23 5.66 16.52
N ILE A 259 3.01 5.98 16.95
CA ILE A 259 2.64 7.33 17.28
C ILE A 259 3.52 7.87 18.45
N PHE A 260 3.64 7.09 19.51
CA PHE A 260 4.30 7.57 20.73
C PHE A 260 5.80 7.34 20.79
N ASP A 261 6.28 6.26 20.17
CA ASP A 261 7.70 5.92 20.27
C ASP A 261 8.45 5.85 18.93
N ARG A 262 7.78 6.27 17.86
CA ARG A 262 8.33 6.24 16.49
C ARG A 262 8.87 4.85 16.11
N VAL A 263 8.23 3.81 16.64
CA VAL A 263 8.63 2.43 16.36
C VAL A 263 7.81 1.90 15.17
N TYR A 264 8.51 1.50 14.12
CA TYR A 264 7.91 0.89 12.94
C TYR A 264 8.39 -0.56 12.85
N THR A 265 7.45 -1.52 12.90
CA THR A 265 7.76 -2.95 12.75
C THR A 265 6.70 -3.62 11.87
N ILE A 266 6.92 -4.88 11.52
CA ILE A 266 5.89 -5.66 10.83
C ILE A 266 4.60 -5.68 11.68
N GLN A 267 4.75 -5.62 13.00
CA GLN A 267 3.58 -5.72 13.87
C GLN A 267 2.81 -4.40 13.96
N SER A 268 3.46 -3.26 13.72
CA SER A 268 2.69 -2.01 13.54
C SER A 268 1.98 -1.98 12.18
N ASP A 269 2.58 -2.61 11.16
CA ASP A 269 1.88 -2.88 9.89
C ASP A 269 0.60 -3.71 10.10
N VAL A 270 0.63 -4.65 11.04
CA VAL A 270 -0.57 -5.43 11.38
C VAL A 270 -1.69 -4.56 11.93
N TRP A 271 -1.33 -3.60 12.78
CA TRP A 271 -2.30 -2.60 13.25
C TRP A 271 -2.94 -1.87 12.06
N SER A 272 -2.11 -1.34 11.15
CA SER A 272 -2.62 -0.65 9.94
C SER A 272 -3.47 -1.58 9.09
N PHE A 273 -3.08 -2.85 9.01
CA PHE A 273 -3.88 -3.81 8.26
C PHE A 273 -5.28 -3.92 8.86
N GLY A 274 -5.38 -3.83 10.19
CA GLY A 274 -6.70 -3.82 10.84
C GLY A 274 -7.54 -2.62 10.40
N VAL A 275 -6.90 -1.46 10.27
CA VAL A 275 -7.57 -0.25 9.80
C VAL A 275 -7.99 -0.44 8.33
N LEU A 276 -7.10 -1.03 7.52
CA LEU A 276 -7.42 -1.34 6.14
C LEU A 276 -8.66 -2.25 6.04
N LEU A 277 -8.74 -3.23 6.93
CA LEU A 277 -9.90 -4.12 7.02
C LEU A 277 -11.16 -3.33 7.26
N TRP A 278 -11.10 -2.35 8.18
CA TRP A 278 -12.24 -1.50 8.46
C TRP A 278 -12.62 -0.70 7.21
N GLU A 279 -11.62 -0.16 6.51
CA GLU A 279 -11.87 0.57 5.25
C GLU A 279 -12.54 -0.31 4.20
N ILE A 280 -12.07 -1.56 4.08
CA ILE A 280 -12.66 -2.51 3.12
C ILE A 280 -14.14 -2.76 3.47
N PHE A 281 -14.39 -3.07 4.75
CA PHE A 281 -15.74 -3.47 5.18
C PHE A 281 -16.68 -2.31 5.55
N SER A 282 -16.22 -1.09 5.25
CA SER A 282 -17.04 0.12 5.30
C SER A 282 -17.22 0.60 3.87
N LEU A 283 -16.75 -0.23 2.92
CA LEU A 283 -16.66 0.16 1.51
C LEU A 283 -16.04 1.54 1.28
N GLY A 284 -14.86 1.73 1.85
CA GLY A 284 -14.06 2.91 1.55
C GLY A 284 -14.36 4.15 2.39
N ALA A 285 -15.00 3.97 3.55
CA ALA A 285 -15.22 5.12 4.44
C ALA A 285 -13.91 5.54 5.09
N SER A 286 -13.90 6.76 5.62
CA SER A 286 -12.73 7.29 6.33
C SER A 286 -12.77 6.84 7.80
N PRO A 287 -11.64 6.29 8.30
CA PRO A 287 -11.59 5.81 9.69
C PRO A 287 -11.90 6.88 10.75
N TYR A 288 -12.32 6.41 11.93
CA TYR A 288 -12.68 7.29 13.07
C TYR A 288 -13.61 8.42 12.64
N PRO A 289 -14.80 8.07 12.08
CA PRO A 289 -15.66 9.10 11.51
C PRO A 289 -16.09 10.16 12.52
N GLY A 290 -16.00 11.43 12.11
CA GLY A 290 -16.37 12.58 12.93
C GLY A 290 -15.41 12.91 14.07
N VAL A 291 -14.23 12.30 14.08
CA VAL A 291 -13.32 12.42 15.22
C VAL A 291 -12.11 13.28 14.87
N LYS A 292 -11.93 14.34 15.66
CA LYS A 292 -10.76 15.20 15.54
C LYS A 292 -9.52 14.39 15.89
N ILE A 293 -8.55 14.39 14.98
CA ILE A 293 -7.32 13.65 15.22
C ILE A 293 -6.33 14.57 15.93
N ASP A 294 -6.32 14.48 17.26
CA ASP A 294 -5.52 15.34 18.11
C ASP A 294 -4.81 14.53 19.20
N GLU A 295 -4.29 15.21 20.22
CA GLU A 295 -3.60 14.54 21.32
C GLU A 295 -4.52 13.66 22.16
N GLU A 296 -5.78 14.08 22.28
CA GLU A 296 -6.77 13.28 23.00
C GLU A 296 -7.20 12.04 22.21
N PHE A 297 -7.21 12.14 20.88
CA PHE A 297 -7.40 10.95 20.04
C PHE A 297 -6.29 9.95 20.36
N CYS A 298 -5.05 10.41 20.33
CA CYS A 298 -3.91 9.54 20.58
C CYS A 298 -3.96 8.90 21.96
N ARG A 299 -4.37 9.70 22.96
CA ARG A 299 -4.50 9.25 24.35
C ARG A 299 -5.53 8.12 24.50
N ARG A 300 -6.74 8.37 24.00
CA ARG A 300 -7.83 7.41 24.06
C ARG A 300 -7.49 6.10 23.33
N LEU A 301 -6.72 6.20 22.26
CA LEU A 301 -6.25 5.02 21.54
C LEU A 301 -5.29 4.18 22.40
N LYS A 302 -4.34 4.82 23.06
CA LYS A 302 -3.43 4.12 23.96
C LYS A 302 -4.18 3.54 25.15
N GLU A 303 -5.28 4.20 25.54
CA GLU A 303 -6.15 3.75 26.61
C GLU A 303 -7.00 2.52 26.27
N GLY A 304 -7.25 2.30 24.97
CA GLY A 304 -7.91 1.07 24.51
C GLY A 304 -9.17 1.26 23.69
N THR A 305 -9.46 2.51 23.33
CA THR A 305 -10.61 2.83 22.49
C THR A 305 -10.40 2.35 21.05
N ARG A 306 -11.39 1.64 20.53
CA ARG A 306 -11.33 1.12 19.16
C ARG A 306 -12.56 1.56 18.35
N MET A 307 -12.42 1.58 17.02
CA MET A 307 -13.57 1.80 16.16
C MET A 307 -14.66 0.75 16.37
N ARG A 308 -15.89 1.16 16.11
CA ARG A 308 -17.08 0.31 16.06
C ARG A 308 -17.06 -0.47 14.73
N ALA A 309 -17.84 -1.55 14.67
CA ALA A 309 -17.95 -2.38 13.46
C ALA A 309 -18.50 -1.58 12.30
N PRO A 310 -17.88 -1.72 11.10
CA PRO A 310 -18.36 -1.02 9.92
C PRO A 310 -19.59 -1.73 9.34
N ASP A 311 -20.28 -1.09 8.40
CA ASP A 311 -21.62 -1.51 7.95
C ASP A 311 -21.69 -2.88 7.26
N TYR A 312 -20.60 -3.31 6.63
CA TYR A 312 -20.61 -4.51 5.77
C TYR A 312 -19.81 -5.68 6.34
N THR A 313 -19.34 -5.53 7.57
CA THR A 313 -18.53 -6.59 8.19
C THR A 313 -19.35 -7.80 8.60
N THR A 314 -18.64 -8.93 8.73
CA THR A 314 -19.13 -10.10 9.43
C THR A 314 -18.60 -10.03 10.87
N PRO A 315 -19.19 -10.82 11.81
CA PRO A 315 -18.68 -10.76 13.19
C PRO A 315 -17.22 -11.20 13.32
N GLU A 316 -16.81 -12.20 12.54
CA GLU A 316 -15.46 -12.69 12.67
C GLU A 316 -14.45 -11.73 11.99
N MET A 317 -14.87 -11.05 10.93
CA MET A 317 -14.03 -9.98 10.36
C MET A 317 -13.81 -8.85 11.37
N TYR A 318 -14.87 -8.42 12.07
CA TYR A 318 -14.72 -7.40 13.11
C TYR A 318 -13.81 -7.83 14.26
N GLN A 319 -13.95 -9.07 14.71
CA GLN A 319 -13.04 -9.60 15.74
C GLN A 319 -11.59 -9.59 15.25
N THR A 320 -11.40 -9.89 13.97
CA THR A 320 -10.05 -9.88 13.36
C THR A 320 -9.44 -8.47 13.40
N MET A 321 -10.25 -7.46 13.12
CA MET A 321 -9.84 -6.06 13.25
C MET A 321 -9.39 -5.75 14.69
N LEU A 322 -10.24 -6.13 15.65
CA LEU A 322 -9.91 -6.03 17.08
C LEU A 322 -8.59 -6.74 17.45
N ASP A 323 -8.37 -7.95 16.94
CA ASP A 323 -7.10 -8.67 17.13
C ASP A 323 -5.88 -7.86 16.64
N CYS A 324 -5.97 -7.36 15.39
CA CYS A 324 -4.93 -6.50 14.80
C CYS A 324 -4.69 -5.23 15.63
N TRP A 325 -5.70 -4.80 16.35
CA TRP A 325 -5.61 -3.59 17.16
C TRP A 325 -5.24 -3.86 18.64
N HIS A 326 -4.59 -4.98 18.92
CA HIS A 326 -4.10 -5.27 20.26
C HIS A 326 -3.07 -4.20 20.68
N GLY A 327 -3.16 -3.74 21.92
CA GLY A 327 -2.22 -2.73 22.45
C GLY A 327 -0.78 -3.20 22.42
N GLU A 328 -0.57 -4.48 22.69
CA GLU A 328 0.76 -5.08 22.66
C GLU A 328 1.04 -5.68 21.28
N PRO A 329 2.07 -5.14 20.59
CA PRO A 329 2.46 -5.60 19.25
C PRO A 329 2.65 -7.12 19.14
N SER A 330 3.21 -7.73 20.18
CA SER A 330 3.53 -9.17 20.14
C SER A 330 2.29 -10.04 20.28
N GLN A 331 1.18 -9.47 20.75
CA GLN A 331 -0.09 -10.19 20.88
C GLN A 331 -1.00 -10.05 19.64
N ARG A 332 -0.60 -9.19 18.70
CA ARG A 332 -1.28 -9.13 17.41
C ARG A 332 -1.01 -10.40 16.59
N PRO A 333 -1.96 -10.80 15.73
CA PRO A 333 -1.62 -11.92 14.85
C PRO A 333 -0.52 -11.55 13.86
N THR A 334 0.25 -12.54 13.41
CA THR A 334 1.23 -12.29 12.36
C THR A 334 0.49 -12.27 11.01
N PHE A 335 1.14 -11.76 9.97
CA PHE A 335 0.56 -11.90 8.64
C PHE A 335 0.33 -13.36 8.20
N SER A 336 1.25 -14.26 8.56
CA SER A 336 1.04 -15.70 8.29
C SER A 336 -0.23 -16.26 8.95
N GLU A 337 -0.48 -15.82 10.18
CA GLU A 337 -1.70 -16.20 10.90
C GLU A 337 -2.93 -15.56 10.26
N LEU A 338 -2.79 -14.31 9.82
CA LEU A 338 -3.88 -13.62 9.13
C LEU A 338 -4.24 -14.32 7.81
N VAL A 339 -3.23 -14.72 7.04
CA VAL A 339 -3.41 -15.49 5.82
C VAL A 339 -4.24 -16.77 6.07
N GLU A 340 -3.80 -17.60 7.03
CA GLU A 340 -4.51 -18.83 7.41
C GLU A 340 -5.97 -18.54 7.80
N HIS A 341 -6.16 -17.55 8.66
CA HIS A 341 -7.49 -17.23 9.18
C HIS A 341 -8.43 -16.67 8.11
N LEU A 342 -7.91 -15.76 7.31
CA LEU A 342 -8.70 -15.17 6.23
C LEU A 342 -9.00 -16.18 5.14
N GLY A 343 -8.08 -17.13 4.95
CA GLY A 343 -8.30 -18.22 3.99
C GLY A 343 -9.45 -19.09 4.46
N ASN A 344 -9.51 -19.35 5.77
CA ASN A 344 -10.61 -20.11 6.39
C ASN A 344 -11.96 -19.36 6.30
N LEU A 345 -11.93 -18.06 6.55
CA LEU A 345 -13.13 -17.23 6.40
C LEU A 345 -13.64 -17.20 4.98
N LEU A 346 -12.72 -17.17 4.02
CA LEU A 346 -13.09 -17.11 2.60
C LEU A 346 -13.76 -18.40 2.17
N GLN A 347 -13.24 -19.50 2.70
CA GLN A 347 -13.78 -20.84 2.49
C GLN A 347 -15.14 -20.99 3.16
N ALA A 348 -15.25 -20.56 4.41
CA ALA A 348 -16.52 -20.58 5.15
C ALA A 348 -17.61 -19.79 4.44
N ASN A 349 -17.24 -18.65 3.88
CA ASN A 349 -18.18 -17.81 3.13
C ASN A 349 -18.78 -18.50 1.90
N ALA A 350 -18.05 -19.45 1.32
CA ALA A 350 -18.54 -20.21 0.15
C ALA A 350 -19.41 -21.44 0.51
#